data_4TZS
#
_entry.id   4TZS
#
_cell.length_a   66.236
_cell.length_b   82.676
_cell.length_c   118.703
_cell.angle_alpha   90.00
_cell.angle_beta   90.00
_cell.angle_gamma   90.00
#
_symmetry.space_group_name_H-M   'P 21 21 21'
#
loop_
_entity.id
_entity.type
_entity.pdbx_description
1 polymer 'Protein HTP-2'
2 polymer 'C. elegans HIM-3 closure motif'
3 water water
#
loop_
_entity_poly.entity_id
_entity_poly.type
_entity_poly.pdbx_seq_one_letter_code
_entity_poly.pdbx_strand_id
1 'polypeptide(L)'
;MAPLENNYNESLNKSKDAIDDKTWSKLFPSIVSDPDRSSNFMIRAIYVVFSAVLRQRNILEKEYFSKNYITENLSCMTLS
FKNLRAHQIAQLLRAAGDATKDGFLKEISLVVTEHDGDVEAIEVFSMKFIYFENGGVVARLSTDNNDQEDPHFAELAQLR
YEGAESVRDQMVTIVRSVQFLCTKVLEPLPAEFTANFRLKYTNDAPSNFRIDGFDDSSTFYTLPDGIQSVTIGHLRPGHH
AAHMQCWSKSMSD
;
A,B
2 'polypeptide(L)' SNARDSPYGLSQGITKKNKD C,D
#
# COMPACT_ATOMS: atom_id res chain seq x y z
N ASP A 17 -3.73 0.22 -23.04
CA ASP A 17 -3.15 -1.12 -22.98
C ASP A 17 -2.50 -1.38 -21.63
N ALA A 18 -2.17 -0.30 -20.92
CA ALA A 18 -1.48 -0.40 -19.64
C ALA A 18 -2.36 -1.00 -18.54
N ILE A 19 -1.75 -1.26 -17.38
CA ILE A 19 -2.47 -1.80 -16.23
C ILE A 19 -2.98 -0.68 -15.33
N ASP A 20 -4.25 -0.80 -14.94
CA ASP A 20 -4.86 0.13 -14.00
C ASP A 20 -4.86 -0.43 -12.59
N ASP A 21 -3.68 -0.46 -11.96
CA ASP A 21 -3.58 -1.00 -10.60
C ASP A 21 -2.36 -0.43 -9.87
N LYS A 22 -2.60 0.18 -8.72
CA LYS A 22 -1.54 0.76 -7.90
C LYS A 22 -0.72 -0.32 -7.21
N THR A 23 -1.39 -1.39 -6.79
CA THR A 23 -0.73 -2.51 -6.14
C THR A 23 0.28 -3.15 -7.10
N TRP A 24 -0.14 -3.28 -8.36
CA TRP A 24 0.71 -3.85 -9.40
C TRP A 24 1.91 -2.95 -9.69
N SER A 25 1.67 -1.64 -9.72
CA SER A 25 2.72 -0.68 -10.05
C SER A 25 3.77 -0.56 -8.94
N LYS A 26 3.53 -1.24 -7.83
CA LYS A 26 4.51 -1.26 -6.75
C LYS A 26 5.65 -2.23 -7.06
N LEU A 27 5.36 -3.25 -7.87
CA LEU A 27 6.37 -4.24 -8.22
C LEU A 27 6.71 -4.22 -9.71
N PHE A 28 5.70 -4.05 -10.55
CA PHE A 28 5.88 -4.16 -11.99
C PHE A 28 5.46 -2.90 -12.73
N PRO A 29 6.04 -2.66 -13.91
CA PRO A 29 5.58 -1.55 -14.77
C PRO A 29 4.17 -1.79 -15.26
N SER A 30 3.39 -0.72 -15.34
CA SER A 30 2.02 -0.82 -15.83
C SER A 30 2.01 -1.09 -17.33
N ILE A 31 3.08 -0.65 -17.99
CA ILE A 31 3.22 -0.83 -19.44
C ILE A 31 4.26 -1.89 -19.76
N VAL A 32 3.92 -2.80 -20.66
CA VAL A 32 4.81 -3.89 -21.03
C VAL A 32 4.82 -4.16 -22.53
N SER A 33 4.55 -3.12 -23.32
CA SER A 33 4.41 -3.29 -24.77
C SER A 33 5.70 -3.01 -25.52
N ASP A 34 6.41 -1.95 -25.14
CA ASP A 34 7.64 -1.57 -25.82
C ASP A 34 8.82 -2.41 -25.32
N PRO A 35 9.85 -2.60 -26.18
CA PRO A 35 10.98 -3.50 -25.91
C PRO A 35 11.70 -3.30 -24.57
N ASP A 36 11.80 -2.06 -24.10
CA ASP A 36 12.54 -1.78 -22.88
C ASP A 36 11.74 -2.16 -21.64
N ARG A 37 10.44 -1.90 -21.67
CA ARG A 37 9.58 -2.21 -20.55
C ARG A 37 9.20 -3.69 -20.52
N SER A 38 9.21 -4.31 -21.70
CA SER A 38 9.04 -5.75 -21.80
C SER A 38 10.19 -6.44 -21.09
N SER A 39 11.40 -5.90 -21.30
CA SER A 39 12.59 -6.44 -20.66
C SER A 39 12.57 -6.14 -19.17
N ASN A 40 12.14 -4.93 -18.81
CA ASN A 40 11.99 -4.53 -17.41
C ASN A 40 11.04 -5.42 -16.64
N PHE A 41 9.92 -5.79 -17.26
CA PHE A 41 8.96 -6.68 -16.61
C PHE A 41 9.59 -8.03 -16.32
N MET A 42 10.37 -8.54 -17.27
CA MET A 42 11.05 -9.82 -17.10
C MET A 42 12.03 -9.75 -15.95
N ILE A 43 12.71 -8.62 -15.82
CA ILE A 43 13.66 -8.42 -14.74
C ILE A 43 12.94 -8.52 -13.41
N ARG A 44 11.81 -7.84 -13.30
CA ARG A 44 11.02 -7.87 -12.08
C ARG A 44 10.42 -9.24 -11.85
N ALA A 45 10.07 -9.92 -12.95
CA ALA A 45 9.49 -11.25 -12.86
C ALA A 45 10.48 -12.24 -12.26
N ILE A 46 11.69 -12.24 -12.79
CA ILE A 46 12.75 -13.10 -12.29
C ILE A 46 12.95 -12.88 -10.79
N TYR A 47 12.98 -11.62 -10.39
CA TYR A 47 13.18 -11.26 -9.00
C TYR A 47 12.05 -11.76 -8.12
N VAL A 48 10.81 -11.46 -8.52
CA VAL A 48 9.64 -11.82 -7.71
C VAL A 48 9.45 -13.33 -7.63
N VAL A 49 9.49 -14.00 -8.77
CA VAL A 49 9.21 -15.44 -8.82
C VAL A 49 10.24 -16.26 -8.05
N PHE A 50 11.52 -15.98 -8.29
CA PHE A 50 12.59 -16.74 -7.66
C PHE A 50 12.77 -16.40 -6.18
N SER A 51 12.32 -15.20 -5.80
CA SER A 51 12.28 -14.85 -4.39
C SER A 51 11.27 -15.74 -3.69
N ALA A 52 10.10 -15.88 -4.32
CA ALA A 52 9.02 -16.67 -3.77
C ALA A 52 9.44 -18.12 -3.58
N VAL A 53 10.17 -18.65 -4.55
CA VAL A 53 10.63 -20.03 -4.50
C VAL A 53 11.60 -20.25 -3.35
N LEU A 54 12.54 -19.32 -3.19
CA LEU A 54 13.54 -19.41 -2.12
C LEU A 54 12.89 -19.46 -0.74
N ARG A 55 11.82 -18.70 -0.56
CA ARG A 55 11.08 -18.69 0.69
C ARG A 55 10.22 -19.94 0.82
N GLN A 56 9.38 -20.17 -0.18
CA GLN A 56 8.40 -21.26 -0.15
C GLN A 56 9.04 -22.64 -0.01
N ARG A 57 10.26 -22.78 -0.51
CA ARG A 57 10.98 -24.05 -0.38
C ARG A 57 11.89 -24.01 0.84
N ASN A 58 11.86 -22.88 1.54
CA ASN A 58 12.67 -22.67 2.74
C ASN A 58 14.16 -22.92 2.50
N ILE A 59 14.73 -22.20 1.55
CA ILE A 59 16.16 -22.28 1.27
C ILE A 59 16.85 -21.11 1.96
N LEU A 60 16.11 -20.02 2.09
CA LEU A 60 16.51 -18.92 2.97
C LEU A 60 15.46 -18.75 4.05
N GLU A 61 15.86 -18.17 5.17
CA GLU A 61 14.93 -17.94 6.27
C GLU A 61 14.06 -16.74 5.98
N LYS A 62 12.96 -16.62 6.73
CA LYS A 62 11.97 -15.57 6.52
C LYS A 62 12.54 -14.15 6.67
N GLU A 63 13.68 -14.05 7.35
CA GLU A 63 14.29 -12.76 7.64
C GLU A 63 14.79 -12.07 6.37
N TYR A 64 15.18 -12.86 5.39
CA TYR A 64 15.71 -12.35 4.14
C TYR A 64 14.63 -11.68 3.29
N PHE A 65 13.37 -11.98 3.59
CA PHE A 65 12.28 -11.53 2.75
C PHE A 65 11.43 -10.44 3.40
N SER A 66 10.72 -9.70 2.57
CA SER A 66 9.75 -8.72 3.04
C SER A 66 8.41 -9.02 2.36
N LYS A 67 7.32 -8.73 3.06
CA LYS A 67 5.99 -9.04 2.53
C LYS A 67 5.56 -8.04 1.47
N ASN A 68 5.17 -8.56 0.31
CA ASN A 68 4.68 -7.72 -0.79
C ASN A 68 3.43 -8.31 -1.43
N TYR A 69 2.75 -7.48 -2.20
CA TYR A 69 1.54 -7.91 -2.89
C TYR A 69 1.64 -7.67 -4.38
N ILE A 70 1.11 -8.61 -5.14
CA ILE A 70 0.98 -8.49 -6.58
C ILE A 70 -0.38 -7.87 -6.88
N THR A 71 -1.40 -8.45 -6.26
CA THR A 71 -2.73 -7.89 -6.27
C THR A 71 -3.16 -7.80 -4.81
N GLU A 72 -4.29 -7.14 -4.57
CA GLU A 72 -4.80 -6.94 -3.22
C GLU A 72 -5.09 -8.28 -2.52
N ASN A 73 -5.39 -9.30 -3.31
CA ASN A 73 -5.77 -10.59 -2.75
C ASN A 73 -4.62 -11.59 -2.73
N LEU A 74 -3.46 -11.18 -3.24
CA LEU A 74 -2.33 -12.10 -3.33
C LEU A 74 -1.05 -11.50 -2.76
N SER A 75 -0.45 -12.21 -1.81
CA SER A 75 0.77 -11.78 -1.18
C SER A 75 1.93 -12.68 -1.58
N CYS A 76 3.13 -12.09 -1.65
CA CYS A 76 4.35 -12.84 -1.93
C CYS A 76 5.47 -12.34 -1.04
N MET A 77 6.52 -13.14 -0.89
CA MET A 77 7.69 -12.77 -0.10
C MET A 77 8.89 -12.47 -1.00
N THR A 78 9.27 -11.21 -1.09
CA THR A 78 10.39 -10.77 -1.92
C THR A 78 11.65 -10.51 -1.10
N LEU A 79 12.80 -10.89 -1.64
CA LEU A 79 14.09 -10.66 -0.98
C LEU A 79 14.23 -9.21 -0.54
N SER A 80 14.44 -9.00 0.75
CA SER A 80 14.51 -7.64 1.29
C SER A 80 15.87 -7.02 1.03
N PHE A 81 15.86 -5.78 0.57
CA PHE A 81 17.09 -5.06 0.25
C PHE A 81 17.80 -4.59 1.51
N LYS A 82 17.14 -4.68 2.65
CA LYS A 82 17.74 -4.25 3.91
C LYS A 82 18.63 -5.32 4.51
N ASN A 83 18.39 -6.58 4.16
CA ASN A 83 19.31 -7.64 4.53
C ASN A 83 20.43 -7.68 3.50
N LEU A 84 21.67 -7.55 3.97
CA LEU A 84 22.80 -7.43 3.04
C LEU A 84 23.02 -8.68 2.21
N ARG A 85 22.78 -9.84 2.80
CA ARG A 85 22.97 -11.10 2.09
C ARG A 85 21.84 -11.34 1.08
N ALA A 86 20.64 -10.89 1.43
CA ALA A 86 19.50 -10.99 0.52
C ALA A 86 19.66 -10.00 -0.63
N HIS A 87 20.23 -8.84 -0.32
CA HIS A 87 20.49 -7.82 -1.32
C HIS A 87 21.50 -8.31 -2.35
N GLN A 88 22.50 -9.05 -1.90
CA GLN A 88 23.50 -9.64 -2.80
C GLN A 88 22.84 -10.60 -3.78
N ILE A 89 21.93 -11.43 -3.29
CA ILE A 89 21.22 -12.39 -4.12
C ILE A 89 20.29 -11.67 -5.08
N ALA A 90 19.66 -10.61 -4.60
CA ALA A 90 18.78 -9.79 -5.42
C ALA A 90 19.53 -9.20 -6.61
N GLN A 91 20.82 -8.93 -6.43
CA GLN A 91 21.62 -8.37 -7.50
C GLN A 91 22.06 -9.43 -8.50
N LEU A 92 22.21 -10.67 -8.03
CA LEU A 92 22.42 -11.79 -8.94
C LEU A 92 21.31 -11.81 -9.99
N LEU A 93 20.07 -11.76 -9.52
CA LEU A 93 18.91 -11.82 -10.38
C LEU A 93 18.78 -10.56 -11.24
N ARG A 94 19.07 -9.41 -10.65
CA ARG A 94 19.06 -8.15 -11.38
C ARG A 94 20.06 -8.20 -12.54
N ALA A 95 21.24 -8.73 -12.27
CA ALA A 95 22.28 -8.85 -13.29
C ALA A 95 21.85 -9.86 -14.34
N ALA A 96 21.29 -10.97 -13.90
CA ALA A 96 20.78 -11.98 -14.82
C ALA A 96 19.66 -11.40 -15.68
N GLY A 97 18.74 -10.70 -15.04
CA GLY A 97 17.63 -10.08 -15.74
C GLY A 97 18.07 -9.05 -16.76
N ASP A 98 19.22 -8.43 -16.52
CA ASP A 98 19.74 -7.41 -17.43
C ASP A 98 20.15 -8.00 -18.77
N ALA A 99 20.54 -9.27 -18.77
CA ALA A 99 20.92 -9.95 -20.00
C ALA A 99 19.72 -10.18 -20.92
N THR A 100 18.54 -9.89 -20.40
CA THR A 100 17.32 -10.02 -21.17
C THR A 100 17.14 -8.77 -22.03
N LYS A 101 17.78 -7.68 -21.61
CA LYS A 101 17.72 -6.42 -22.35
C LYS A 101 18.20 -6.56 -23.78
N ASP A 102 19.34 -7.23 -23.96
CA ASP A 102 19.94 -7.37 -25.26
C ASP A 102 19.80 -8.79 -25.82
N GLY A 103 18.98 -9.59 -25.14
CA GLY A 103 18.66 -10.93 -25.61
C GLY A 103 19.79 -11.94 -25.49
N PHE A 104 20.51 -11.91 -24.38
CA PHE A 104 21.67 -12.77 -24.21
C PHE A 104 21.41 -13.90 -23.22
N LEU A 105 20.29 -13.80 -22.49
CA LEU A 105 19.94 -14.80 -21.49
C LEU A 105 18.97 -15.83 -22.06
N LYS A 106 19.42 -17.08 -22.10
CA LYS A 106 18.58 -18.17 -22.59
C LYS A 106 17.76 -18.79 -21.45
N GLU A 107 18.46 -19.22 -20.41
CA GLU A 107 17.81 -19.87 -19.27
C GLU A 107 18.47 -19.46 -17.95
N ILE A 108 17.66 -19.17 -16.95
CA ILE A 108 18.15 -19.04 -15.57
C ILE A 108 17.40 -20.02 -14.69
N SER A 109 18.13 -20.75 -13.85
CA SER A 109 17.52 -21.82 -13.07
C SER A 109 18.06 -21.90 -11.65
N LEU A 110 17.13 -22.08 -10.71
CA LEU A 110 17.50 -22.39 -9.34
C LEU A 110 17.75 -23.89 -9.26
N VAL A 111 19.00 -24.25 -8.99
CA VAL A 111 19.39 -25.66 -8.96
C VAL A 111 19.74 -26.13 -7.56
N VAL A 112 19.03 -27.16 -7.11
CA VAL A 112 19.26 -27.72 -5.78
C VAL A 112 20.00 -29.06 -5.89
N THR A 113 21.11 -29.15 -5.16
CA THR A 113 21.93 -30.36 -5.16
C THR A 113 22.23 -30.85 -3.75
N GLU A 114 22.58 -32.13 -3.64
CA GLU A 114 23.00 -32.71 -2.37
C GLU A 114 24.29 -32.05 -1.90
N HIS A 115 25.33 -32.18 -2.72
CA HIS A 115 26.64 -31.63 -2.42
C HIS A 115 26.96 -30.48 -3.37
N ASP A 116 27.79 -29.55 -2.87
CA ASP A 116 28.19 -28.34 -3.59
C ASP A 116 29.50 -28.60 -4.32
N GLY A 117 29.44 -28.62 -5.65
CA GLY A 117 28.20 -28.41 -6.37
C GLY A 117 28.10 -29.36 -7.55
N ASP A 118 27.29 -30.39 -7.40
CA ASP A 118 27.23 -31.45 -8.40
C ASP A 118 26.51 -31.01 -9.66
N VAL A 119 26.66 -31.81 -10.71
CA VAL A 119 26.03 -31.53 -11.98
C VAL A 119 24.59 -32.02 -11.95
N GLU A 120 24.39 -33.19 -11.35
CA GLU A 120 23.07 -33.77 -11.22
C GLU A 120 22.31 -33.11 -10.07
N ALA A 121 21.10 -32.65 -10.36
CA ALA A 121 20.32 -31.88 -9.40
C ALA A 121 19.27 -32.73 -8.69
N ILE A 122 18.79 -32.21 -7.55
CA ILE A 122 17.65 -32.77 -6.84
C ILE A 122 16.37 -32.08 -7.28
N GLU A 123 16.45 -30.75 -7.30
CA GLU A 123 15.30 -29.92 -7.57
C GLU A 123 15.72 -28.74 -8.45
N VAL A 124 15.00 -28.55 -9.54
CA VAL A 124 15.29 -27.46 -10.47
C VAL A 124 14.06 -26.61 -10.74
N PHE A 125 14.19 -25.31 -10.52
CA PHE A 125 13.18 -24.35 -10.95
C PHE A 125 13.73 -23.57 -12.13
N SER A 126 13.22 -23.87 -13.33
CA SER A 126 13.81 -23.35 -14.55
C SER A 126 12.97 -22.26 -15.21
N MET A 127 13.62 -21.19 -15.65
CA MET A 127 12.95 -20.18 -16.46
C MET A 127 13.69 -19.97 -17.79
N LYS A 128 13.11 -20.49 -18.87
CA LYS A 128 13.71 -20.40 -20.19
C LYS A 128 13.10 -19.27 -21.02
N PHE A 129 13.92 -18.59 -21.79
CA PHE A 129 13.47 -17.41 -22.52
C PHE A 129 13.49 -17.58 -24.04
N ILE A 130 12.68 -16.76 -24.69
CA ILE A 130 12.65 -16.66 -26.14
C ILE A 130 12.49 -15.18 -26.48
N TYR A 131 13.25 -14.71 -27.46
CA TYR A 131 13.21 -13.30 -27.81
C TYR A 131 12.58 -13.10 -29.18
N PHE A 132 12.30 -11.85 -29.53
CA PHE A 132 11.60 -11.53 -30.76
C PHE A 132 12.29 -10.46 -31.57
N GLU A 133 12.46 -10.73 -32.87
CA GLU A 133 13.19 -9.87 -33.79
C GLU A 133 12.74 -8.41 -33.74
N ASN A 134 11.55 -8.16 -34.27
CA ASN A 134 10.98 -6.83 -34.26
C ASN A 134 9.46 -6.89 -34.26
N GLY A 135 8.84 -6.00 -33.50
CA GLY A 135 7.39 -5.93 -33.46
C GLY A 135 6.76 -6.90 -32.47
N GLY A 136 7.57 -7.85 -32.00
CA GLY A 136 7.13 -8.79 -30.98
C GLY A 136 6.24 -9.91 -31.50
N VAL A 137 6.43 -10.28 -32.77
CA VAL A 137 5.63 -11.34 -33.37
C VAL A 137 6.47 -12.56 -33.72
N VAL A 138 7.62 -12.32 -34.34
CA VAL A 138 8.50 -13.38 -34.82
C VAL A 138 9.56 -13.79 -33.80
N ALA A 139 9.68 -15.09 -33.53
CA ALA A 139 10.78 -15.60 -32.72
C ALA A 139 12.12 -15.25 -33.35
N ARG A 140 13.14 -15.09 -32.50
CA ARG A 140 14.49 -14.72 -32.94
C ARG A 140 15.42 -15.89 -32.65
N LEU A 141 16.63 -15.86 -33.20
CA LEU A 141 17.61 -16.94 -33.01
C LEU A 141 19.03 -16.39 -32.86
N SER A 142 19.72 -16.46 -31.70
CA SER A 142 19.29 -16.65 -30.30
C SER A 142 19.17 -18.09 -29.76
N THR A 143 18.94 -19.09 -30.62
CA THR A 143 18.99 -20.50 -30.18
C THR A 143 19.50 -21.47 -31.28
N ASP A 144 19.61 -22.76 -30.92
CA ASP A 144 20.19 -23.86 -31.72
C ASP A 144 21.68 -23.96 -31.44
N PRO A 151 11.65 -28.17 -27.32
CA PRO A 151 10.38 -28.71 -26.85
C PRO A 151 9.30 -27.63 -26.75
N HIS A 152 9.20 -26.99 -25.59
CA HIS A 152 8.22 -25.92 -25.39
C HIS A 152 8.62 -24.66 -26.16
N PHE A 153 9.83 -24.66 -26.69
CA PHE A 153 10.29 -23.58 -27.57
C PHE A 153 9.29 -23.36 -28.69
N ALA A 154 8.83 -24.48 -29.28
CA ALA A 154 7.84 -24.44 -30.34
C ALA A 154 6.57 -23.75 -29.87
N GLU A 155 5.99 -24.29 -28.80
CA GLU A 155 4.75 -23.76 -28.25
C GLU A 155 4.89 -22.31 -27.82
N LEU A 156 5.99 -22.01 -27.12
CA LEU A 156 6.21 -20.68 -26.58
C LEU A 156 6.42 -19.66 -27.68
N ALA A 157 6.99 -20.09 -28.80
CA ALA A 157 7.19 -19.19 -29.94
C ALA A 157 5.86 -18.78 -30.57
N GLN A 158 4.89 -19.69 -30.54
CA GLN A 158 3.59 -19.42 -31.15
C GLN A 158 2.74 -18.51 -30.25
N LEU A 159 3.14 -18.40 -28.99
CA LEU A 159 2.40 -17.59 -28.03
C LEU A 159 2.46 -16.12 -28.40
N ARG A 160 1.31 -15.45 -28.38
CA ARG A 160 1.22 -14.07 -28.82
C ARG A 160 0.93 -13.12 -27.67
N TYR A 161 1.43 -11.90 -27.78
CA TYR A 161 1.18 -10.86 -26.80
C TYR A 161 -0.29 -10.47 -26.83
N GLU A 162 -0.95 -10.55 -25.68
CA GLU A 162 -2.39 -10.31 -25.61
C GLU A 162 -2.73 -9.08 -24.76
N GLY A 163 -1.75 -8.20 -24.59
CA GLY A 163 -1.96 -7.02 -23.77
C GLY A 163 -1.48 -7.22 -22.35
N ALA A 164 -1.36 -6.12 -21.62
CA ALA A 164 -0.80 -6.13 -20.27
C ALA A 164 -1.68 -6.89 -19.28
N GLU A 165 -2.99 -6.84 -19.48
CA GLU A 165 -3.91 -7.54 -18.60
C GLU A 165 -3.69 -9.04 -18.65
N SER A 166 -3.30 -9.54 -19.82
CA SER A 166 -2.97 -10.94 -19.97
C SER A 166 -1.66 -11.25 -19.25
N VAL A 167 -0.77 -10.26 -19.22
CA VAL A 167 0.52 -10.38 -18.57
C VAL A 167 0.36 -10.43 -17.05
N ARG A 168 -0.51 -9.57 -16.52
CA ARG A 168 -0.78 -9.55 -15.09
C ARG A 168 -1.39 -10.87 -14.62
N ASP A 169 -2.28 -11.44 -15.43
CA ASP A 169 -2.88 -12.72 -15.09
C ASP A 169 -1.83 -13.82 -15.09
N GLN A 170 -0.91 -13.75 -16.05
CA GLN A 170 0.16 -14.73 -16.15
C GLN A 170 1.05 -14.70 -14.93
N MET A 171 1.35 -13.50 -14.45
CA MET A 171 2.16 -13.33 -13.25
C MET A 171 1.44 -13.90 -12.04
N VAL A 172 0.18 -13.49 -11.87
CA VAL A 172 -0.63 -13.95 -10.75
C VAL A 172 -0.75 -15.46 -10.73
N THR A 173 -1.01 -16.03 -11.90
CA THR A 173 -1.11 -17.48 -12.05
C THR A 173 0.17 -18.18 -11.61
N ILE A 174 1.32 -17.71 -12.11
CA ILE A 174 2.61 -18.30 -11.82
C ILE A 174 2.89 -18.34 -10.33
N VAL A 175 2.56 -17.25 -9.65
CA VAL A 175 2.90 -17.08 -8.25
C VAL A 175 1.96 -17.91 -7.37
N ARG A 176 0.67 -17.91 -7.68
CA ARG A 176 -0.27 -18.81 -7.01
C ARG A 176 0.14 -20.26 -7.19
N SER A 177 0.68 -20.59 -8.36
CA SER A 177 1.08 -21.96 -8.65
C SER A 177 2.38 -22.34 -7.94
N VAL A 178 3.32 -21.40 -7.87
CA VAL A 178 4.57 -21.65 -7.15
C VAL A 178 4.28 -21.92 -5.68
N GLN A 179 3.49 -21.02 -5.08
CA GLN A 179 3.10 -21.17 -3.68
C GLN A 179 2.40 -22.48 -3.44
N PHE A 180 1.45 -22.83 -4.30
CA PHE A 180 0.72 -24.08 -4.17
C PHE A 180 1.64 -25.28 -4.37
N LEU A 181 2.51 -25.22 -5.37
CA LEU A 181 3.41 -26.33 -5.66
C LEU A 181 4.35 -26.60 -4.50
N CYS A 182 4.89 -25.54 -3.92
CA CYS A 182 5.88 -25.67 -2.86
C CYS A 182 5.26 -26.00 -1.49
N THR A 183 4.02 -25.58 -1.27
CA THR A 183 3.39 -25.75 0.04
C THR A 183 2.48 -26.97 0.14
N LYS A 184 1.99 -27.47 -0.99
CA LYS A 184 0.99 -28.53 -0.96
C LYS A 184 1.22 -29.68 -1.94
N VAL A 185 2.24 -29.58 -2.78
CA VAL A 185 2.54 -30.66 -3.71
C VAL A 185 3.90 -31.31 -3.42
N LEU A 186 4.92 -30.47 -3.32
CA LEU A 186 6.29 -30.94 -3.12
C LEU A 186 6.58 -31.35 -1.68
N GLU A 187 7.37 -32.41 -1.52
CA GLU A 187 7.87 -32.79 -0.21
C GLU A 187 8.98 -31.83 0.17
N PRO A 188 9.07 -31.49 1.47
CA PRO A 188 10.14 -30.61 1.97
C PRO A 188 11.53 -31.11 1.57
N LEU A 189 12.42 -30.18 1.27
CA LEU A 189 13.78 -30.52 0.88
C LEU A 189 14.48 -31.26 2.01
N PRO A 190 15.48 -32.08 1.65
CA PRO A 190 16.33 -32.72 2.67
C PRO A 190 16.92 -31.69 3.62
N ALA A 191 17.30 -32.12 4.83
CA ALA A 191 17.84 -31.21 5.82
C ALA A 191 19.21 -30.67 5.39
N GLU A 192 19.84 -31.33 4.43
CA GLU A 192 21.15 -30.94 3.93
C GLU A 192 21.17 -30.85 2.41
N PHE A 193 21.50 -29.66 1.89
CA PHE A 193 21.60 -29.44 0.45
C PHE A 193 22.42 -28.20 0.12
N THR A 194 22.52 -27.90 -1.18
CA THR A 194 23.13 -26.66 -1.64
C THR A 194 22.39 -26.15 -2.86
N ALA A 195 21.94 -24.90 -2.79
CA ALA A 195 21.20 -24.29 -3.89
C ALA A 195 21.97 -23.12 -4.50
N ASN A 196 22.12 -23.15 -5.83
CA ASN A 196 22.75 -22.04 -6.53
C ASN A 196 22.04 -21.74 -7.84
N PHE A 197 22.25 -20.52 -8.36
CA PHE A 197 21.66 -20.13 -9.63
C PHE A 197 22.58 -20.47 -10.80
N ARG A 198 22.07 -21.21 -11.77
CA ARG A 198 22.83 -21.60 -12.94
C ARG A 198 22.12 -21.09 -14.17
N LEU A 199 22.84 -20.39 -15.04
CA LEU A 199 22.22 -19.83 -16.23
C LEU A 199 22.91 -20.23 -17.54
N LYS A 200 22.20 -20.06 -18.64
CA LYS A 200 22.72 -20.38 -19.96
C LYS A 200 22.61 -19.18 -20.89
N TYR A 201 23.72 -18.83 -21.53
CA TYR A 201 23.75 -17.70 -22.44
C TYR A 201 23.23 -18.11 -23.82
N THR A 202 22.59 -17.19 -24.53
CA THR A 202 22.12 -17.49 -25.88
C THR A 202 23.29 -17.53 -26.84
N ASN A 203 23.02 -17.95 -28.06
CA ASN A 203 24.05 -18.02 -29.08
C ASN A 203 24.40 -16.65 -29.62
N ASP A 204 23.46 -15.71 -29.50
CA ASP A 204 23.71 -14.31 -29.91
C ASP A 204 24.76 -13.65 -29.04
N ALA A 205 24.93 -14.18 -27.83
CA ALA A 205 25.79 -13.55 -26.84
C ALA A 205 27.23 -13.60 -27.29
N PRO A 206 27.95 -12.48 -27.11
CA PRO A 206 29.40 -12.43 -27.35
C PRO A 206 30.11 -13.42 -26.45
N SER A 207 31.27 -13.90 -26.87
CA SER A 207 32.05 -14.79 -26.04
C SER A 207 32.66 -14.02 -24.86
N ASN A 208 32.87 -12.72 -25.06
CA ASN A 208 33.35 -11.86 -23.99
C ASN A 208 32.27 -11.59 -22.94
N PHE A 209 31.04 -12.01 -23.22
CA PHE A 209 29.92 -11.70 -22.34
C PHE A 209 29.80 -12.65 -21.16
N ARG A 210 29.92 -12.08 -19.97
CA ARG A 210 29.72 -12.80 -18.73
C ARG A 210 28.84 -11.94 -17.84
N ILE A 211 27.98 -12.57 -17.05
CA ILE A 211 27.17 -11.82 -16.11
C ILE A 211 27.88 -11.72 -14.77
N ASP A 212 27.89 -10.52 -14.20
CA ASP A 212 28.55 -10.27 -12.93
C ASP A 212 27.96 -11.13 -11.82
N GLY A 213 28.79 -12.03 -11.27
CA GLY A 213 28.36 -12.90 -10.21
C GLY A 213 28.25 -14.35 -10.66
N PHE A 214 28.29 -14.54 -11.97
CA PHE A 214 28.19 -15.88 -12.55
C PHE A 214 29.50 -16.30 -13.21
N ASP A 215 30.19 -17.24 -12.57
CA ASP A 215 31.49 -17.69 -13.05
C ASP A 215 31.35 -18.73 -14.13
N ASP A 216 32.35 -18.81 -15.00
CA ASP A 216 32.37 -19.78 -16.08
C ASP A 216 32.30 -21.21 -15.56
N SER A 217 31.80 -22.09 -16.40
CA SER A 217 31.70 -23.51 -16.05
C SER A 217 31.47 -24.34 -17.30
N SER A 218 31.92 -25.59 -17.27
CA SER A 218 31.78 -26.48 -18.40
C SER A 218 30.51 -27.33 -18.27
N THR A 219 29.85 -27.21 -17.12
CA THR A 219 28.64 -27.97 -16.86
C THR A 219 27.49 -27.06 -16.45
N PHE A 220 26.30 -27.36 -16.94
CA PHE A 220 25.09 -26.65 -16.57
C PHE A 220 24.45 -27.34 -15.37
N TYR A 221 23.52 -28.23 -15.67
CA TYR A 221 22.90 -29.10 -14.68
C TYR A 221 22.28 -30.29 -15.41
N THR A 222 22.21 -31.43 -14.74
CA THR A 222 21.58 -32.60 -15.33
C THR A 222 20.44 -33.12 -14.47
N LEU A 223 19.59 -33.93 -15.08
CA LEU A 223 18.44 -34.48 -14.40
C LEU A 223 18.46 -36.00 -14.39
N PRO A 224 18.16 -36.60 -13.24
CA PRO A 224 17.96 -38.05 -13.15
C PRO A 224 16.82 -38.47 -14.07
N ASP A 225 16.92 -39.64 -14.68
CA ASP A 225 15.96 -40.06 -15.70
C ASP A 225 14.52 -40.14 -15.21
N GLY A 226 14.34 -40.53 -13.95
CA GLY A 226 13.00 -40.77 -13.43
C GLY A 226 12.30 -39.54 -12.90
N ILE A 227 12.99 -38.42 -12.89
CA ILE A 227 12.47 -37.20 -12.25
C ILE A 227 11.19 -36.69 -12.92
N GLN A 228 10.34 -36.07 -12.11
CA GLN A 228 9.03 -35.60 -12.58
C GLN A 228 9.03 -34.08 -12.81
N SER A 229 8.42 -33.66 -13.92
CA SER A 229 8.35 -32.25 -14.27
C SER A 229 6.92 -31.74 -14.31
N VAL A 230 6.75 -30.49 -13.86
CA VAL A 230 5.45 -29.84 -13.94
C VAL A 230 5.62 -28.40 -14.43
N THR A 231 4.75 -27.99 -15.34
CA THR A 231 4.82 -26.64 -15.88
C THR A 231 4.17 -25.65 -14.93
N ILE A 232 4.95 -24.66 -14.50
CA ILE A 232 4.47 -23.69 -13.54
C ILE A 232 3.67 -22.58 -14.21
N GLY A 233 4.19 -22.05 -15.31
CA GLY A 233 3.50 -20.98 -16.02
C GLY A 233 4.29 -20.33 -17.14
N HIS A 234 3.66 -19.38 -17.82
CA HIS A 234 4.29 -18.68 -18.93
C HIS A 234 4.24 -17.17 -18.73
N LEU A 235 5.10 -16.46 -19.45
CA LEU A 235 5.08 -15.00 -19.45
C LEU A 235 5.27 -14.48 -20.87
N ARG A 236 4.35 -13.61 -21.31
CA ARG A 236 4.44 -13.06 -22.66
C ARG A 236 4.15 -11.57 -22.68
N PRO A 237 5.18 -10.75 -22.41
CA PRO A 237 5.12 -9.30 -22.58
C PRO A 237 5.22 -8.92 -24.06
N GLY A 238 5.59 -7.67 -24.34
CA GLY A 238 5.64 -7.18 -25.70
C GLY A 238 6.61 -7.90 -26.63
N HIS A 239 7.84 -8.11 -26.15
CA HIS A 239 8.90 -8.61 -27.00
C HIS A 239 9.72 -9.73 -26.37
N HIS A 240 9.15 -10.36 -25.33
CA HIS A 240 9.82 -11.48 -24.68
C HIS A 240 8.85 -12.60 -24.35
N ALA A 241 9.42 -13.77 -24.04
CA ALA A 241 8.61 -14.92 -23.69
C ALA A 241 9.38 -15.80 -22.70
N ALA A 242 8.72 -16.17 -21.62
CA ALA A 242 9.33 -17.02 -20.61
C ALA A 242 8.46 -18.22 -20.31
N HIS A 243 9.11 -19.35 -20.06
CA HIS A 243 8.42 -20.58 -19.69
C HIS A 243 9.08 -21.17 -18.45
N MET A 244 8.31 -21.32 -17.38
CA MET A 244 8.87 -21.82 -16.12
C MET A 244 8.37 -23.21 -15.74
N GLN A 245 9.32 -24.08 -15.41
CA GLN A 245 9.01 -25.46 -15.04
C GLN A 245 9.56 -25.80 -13.67
N CYS A 246 9.39 -27.06 -13.29
CA CYS A 246 9.93 -27.56 -12.03
C CYS A 246 10.25 -29.06 -12.11
N TRP A 247 11.52 -29.39 -11.95
CA TRP A 247 11.94 -30.78 -11.83
C TRP A 247 12.34 -31.04 -10.38
N SER A 248 11.73 -32.03 -9.74
CA SER A 248 12.11 -32.37 -8.38
C SER A 248 11.75 -33.80 -8.00
N LYS A 249 12.64 -34.43 -7.25
CA LYS A 249 12.36 -35.74 -6.67
C LYS A 249 11.25 -35.62 -5.63
N SER A 250 11.05 -34.39 -5.17
CA SER A 250 10.04 -34.09 -4.17
C SER A 250 8.62 -34.30 -4.67
N MET A 251 8.46 -34.42 -5.98
CA MET A 251 7.14 -34.67 -6.56
C MET A 251 6.71 -36.11 -6.29
N ASP B 17 -31.30 34.71 4.98
CA ASP B 17 -30.65 33.40 4.95
C ASP B 17 -29.97 33.10 6.28
N ALA B 18 -29.74 34.13 7.07
CA ALA B 18 -29.03 34.03 8.34
C ALA B 18 -29.80 33.26 9.42
N ILE B 19 -29.09 32.89 10.48
CA ILE B 19 -29.70 32.29 11.66
C ILE B 19 -30.18 33.37 12.62
N ASP B 20 -31.45 33.32 13.00
CA ASP B 20 -31.97 34.29 13.95
C ASP B 20 -32.04 33.68 15.34
N ASP B 21 -30.88 33.57 15.97
CA ASP B 21 -30.75 33.00 17.30
C ASP B 21 -29.51 33.53 17.99
N LYS B 22 -29.67 33.96 19.24
CA LYS B 22 -28.58 34.51 20.01
C LYS B 22 -27.72 33.42 20.64
N THR B 23 -28.36 32.32 21.01
CA THR B 23 -27.66 31.18 21.59
C THR B 23 -26.70 30.58 20.58
N TRP B 24 -27.17 30.47 19.34
CA TRP B 24 -26.36 29.93 18.25
C TRP B 24 -25.21 30.86 17.90
N SER B 25 -25.48 32.15 17.90
CA SER B 25 -24.53 33.16 17.44
C SER B 25 -23.29 33.27 18.33
N LYS B 26 -23.38 32.72 19.54
CA LYS B 26 -22.29 32.81 20.51
C LYS B 26 -21.22 31.75 20.24
N LEU B 27 -21.59 30.70 19.51
CA LEU B 27 -20.67 29.62 19.19
C LEU B 27 -20.37 29.54 17.69
N PHE B 28 -21.33 29.96 16.87
CA PHE B 28 -21.21 29.84 15.42
C PHE B 28 -21.50 31.16 14.73
N PRO B 29 -21.04 31.28 13.47
CA PRO B 29 -21.47 32.42 12.65
C PRO B 29 -22.92 32.25 12.25
N SER B 30 -23.63 33.35 12.08
CA SER B 30 -25.04 33.29 11.71
C SER B 30 -25.19 32.99 10.24
N ILE B 31 -24.24 33.47 9.46
CA ILE B 31 -24.33 33.36 8.01
C ILE B 31 -23.20 32.47 7.52
N VAL B 32 -23.53 31.56 6.60
CA VAL B 32 -22.58 30.54 6.14
C VAL B 32 -22.61 30.39 4.63
N SER B 33 -22.98 31.47 3.94
CA SER B 33 -23.17 31.41 2.49
C SER B 33 -21.92 31.80 1.71
N ASP B 34 -21.15 32.74 2.24
CA ASP B 34 -19.92 33.17 1.59
C ASP B 34 -18.75 32.26 2.02
N PRO B 35 -17.71 32.14 1.19
CA PRO B 35 -16.56 31.25 1.44
C PRO B 35 -15.91 31.45 2.80
N ASP B 36 -15.69 32.70 3.21
CA ASP B 36 -15.04 32.98 4.48
C ASP B 36 -15.85 32.47 5.66
N ARG B 37 -17.12 32.85 5.69
CA ARG B 37 -17.97 32.46 6.80
C ARG B 37 -18.29 30.95 6.72
N SER B 38 -18.37 30.42 5.51
CA SER B 38 -18.52 28.98 5.33
C SER B 38 -17.32 28.24 5.93
N SER B 39 -16.12 28.74 5.64
CA SER B 39 -14.90 28.17 6.20
C SER B 39 -14.86 28.35 7.72
N ASN B 40 -15.27 29.52 8.18
CA ASN B 40 -15.28 29.81 9.62
C ASN B 40 -16.22 28.91 10.40
N PHE B 41 -17.35 28.55 9.79
CA PHE B 41 -18.28 27.63 10.43
C PHE B 41 -17.64 26.26 10.62
N MET B 42 -16.90 25.83 9.61
CA MET B 42 -16.21 24.54 9.65
C MET B 42 -15.14 24.53 10.74
N ILE B 43 -14.50 25.68 10.92
CA ILE B 43 -13.50 25.82 11.97
C ILE B 43 -14.17 25.65 13.34
N ARG B 44 -15.30 26.31 13.51
CA ARG B 44 -16.08 26.20 14.74
C ARG B 44 -16.67 24.80 14.87
N ALA B 45 -17.03 24.21 13.74
CA ALA B 45 -17.55 22.85 13.72
C ALA B 45 -16.53 21.87 14.29
N ILE B 46 -15.32 21.90 13.74
CA ILE B 46 -14.23 21.04 14.18
C ILE B 46 -13.99 21.22 15.68
N TYR B 47 -14.02 22.46 16.14
CA TYR B 47 -13.80 22.76 17.54
C TYR B 47 -14.88 22.16 18.43
N VAL B 48 -16.13 22.44 18.11
CA VAL B 48 -17.26 21.97 18.91
C VAL B 48 -17.33 20.45 18.94
N VAL B 49 -17.37 19.85 17.75
CA VAL B 49 -17.63 18.42 17.64
C VAL B 49 -16.55 17.55 18.27
N PHE B 50 -15.28 17.91 18.01
CA PHE B 50 -14.17 17.14 18.55
C PHE B 50 -13.94 17.41 20.03
N SER B 51 -14.39 18.56 20.52
CA SER B 51 -14.36 18.80 21.96
C SER B 51 -15.34 17.85 22.61
N ALA B 52 -16.52 17.76 22.01
CA ALA B 52 -17.58 16.89 22.50
C ALA B 52 -17.12 15.45 22.61
N VAL B 53 -16.43 14.97 21.57
CA VAL B 53 -15.92 13.61 21.54
C VAL B 53 -14.89 13.40 22.66
N LEU B 54 -14.02 14.38 22.85
CA LEU B 54 -12.99 14.28 23.88
C LEU B 54 -13.57 14.19 25.28
N ARG B 55 -14.64 14.95 25.53
CA ARG B 55 -15.33 14.90 26.81
C ARG B 55 -16.17 13.64 26.96
N GLN B 56 -17.01 13.37 25.97
CA GLN B 56 -17.98 12.28 26.05
C GLN B 56 -17.32 10.90 26.10
N ARG B 57 -16.10 10.81 25.58
CA ARG B 57 -15.38 9.54 25.58
C ARG B 57 -14.40 9.46 26.73
N ASN B 58 -14.44 10.48 27.59
CA ASN B 58 -13.55 10.57 28.74
C ASN B 58 -12.08 10.42 28.36
N ILE B 59 -11.63 11.22 27.41
CA ILE B 59 -10.23 11.21 27.00
C ILE B 59 -9.53 12.34 27.74
N LEU B 60 -10.22 13.47 27.86
CA LEU B 60 -9.80 14.53 28.76
C LEU B 60 -10.77 14.60 29.92
N GLU B 61 -10.32 15.12 31.05
CA GLU B 61 -11.18 15.22 32.23
C GLU B 61 -12.12 16.42 32.14
N LYS B 62 -13.16 16.40 32.97
CA LYS B 62 -14.22 17.41 32.97
C LYS B 62 -13.71 18.83 33.13
N GLU B 63 -12.55 18.99 33.75
CA GLU B 63 -12.03 20.31 34.09
C GLU B 63 -11.54 21.07 32.86
N TYR B 64 -11.13 20.32 31.84
CA TYR B 64 -10.63 20.92 30.60
C TYR B 64 -11.74 21.62 29.80
N PHE B 65 -12.97 21.37 30.19
CA PHE B 65 -14.10 21.81 29.39
C PHE B 65 -14.96 22.84 30.09
N SER B 66 -15.54 23.72 29.28
CA SER B 66 -16.54 24.66 29.77
C SER B 66 -17.88 24.28 29.15
N LYS B 67 -18.98 24.55 29.86
CA LYS B 67 -20.29 24.19 29.37
C LYS B 67 -20.83 25.26 28.42
N ASN B 68 -21.15 24.85 27.20
CA ASN B 68 -21.70 25.74 26.19
C ASN B 68 -23.04 25.24 25.68
N TYR B 69 -23.77 26.11 24.99
CA TYR B 69 -25.05 25.76 24.40
C TYR B 69 -25.03 26.01 22.90
N ILE B 70 -25.65 25.10 22.15
CA ILE B 70 -25.80 25.27 20.71
C ILE B 70 -27.21 25.77 20.42
N THR B 71 -28.17 25.12 21.04
CA THR B 71 -29.53 25.63 21.11
C THR B 71 -29.82 25.90 22.58
N GLU B 72 -31.07 26.18 22.91
CA GLU B 72 -31.45 26.38 24.31
C GLU B 72 -31.65 25.04 25.00
N ASN B 73 -31.74 23.97 24.21
CA ASN B 73 -32.05 22.65 24.73
C ASN B 73 -30.88 21.68 24.56
N LEU B 74 -29.91 22.07 23.74
CA LEU B 74 -28.77 21.20 23.49
C LEU B 74 -27.50 21.75 24.12
N SER B 75 -27.07 21.09 25.19
CA SER B 75 -25.83 21.44 25.88
C SER B 75 -24.64 20.62 25.35
N CYS B 76 -23.47 21.23 25.34
CA CYS B 76 -22.25 20.53 24.99
C CYS B 76 -21.06 21.05 25.79
N MET B 77 -20.02 20.23 25.88
CA MET B 77 -18.79 20.64 26.56
C MET B 77 -17.73 21.00 25.54
N THR B 78 -17.30 22.26 25.55
CA THR B 78 -16.25 22.73 24.66
C THR B 78 -14.93 22.86 25.43
N LEU B 79 -13.81 22.61 24.75
CA LEU B 79 -12.48 22.83 25.31
C LEU B 79 -12.38 24.23 25.91
N SER B 80 -12.02 24.32 27.20
CA SER B 80 -11.95 25.61 27.89
C SER B 80 -10.59 26.26 27.69
N PHE B 81 -10.58 27.56 27.37
CA PHE B 81 -9.33 28.27 27.05
C PHE B 81 -8.53 28.62 28.30
N LYS B 82 -9.22 28.77 29.42
CA LYS B 82 -8.59 29.08 30.70
C LYS B 82 -7.59 28.00 31.10
N ASN B 83 -7.84 26.76 30.69
CA ASN B 83 -6.91 25.68 30.89
C ASN B 83 -5.88 25.65 29.77
N LEU B 84 -4.61 25.93 30.10
CA LEU B 84 -3.56 26.07 29.09
C LEU B 84 -3.37 24.82 28.25
N ARG B 85 -3.50 23.65 28.87
CA ARG B 85 -3.36 22.41 28.13
C ARG B 85 -4.53 22.22 27.16
N ALA B 86 -5.69 22.73 27.55
CA ALA B 86 -6.88 22.63 26.71
C ALA B 86 -6.86 23.71 25.64
N HIS B 87 -6.23 24.84 25.95
CA HIS B 87 -6.09 25.93 25.01
C HIS B 87 -5.21 25.49 23.84
N GLN B 88 -4.18 24.71 24.16
CA GLN B 88 -3.24 24.23 23.15
C GLN B 88 -3.91 23.27 22.19
N ILE B 89 -4.74 22.38 22.72
CA ILE B 89 -5.46 21.43 21.89
C ILE B 89 -6.47 22.14 21.01
N ALA B 90 -7.17 23.12 21.59
CA ALA B 90 -8.12 23.92 20.83
C ALA B 90 -7.44 24.71 19.71
N GLN B 91 -6.13 24.91 19.83
CA GLN B 91 -5.37 25.63 18.82
C GLN B 91 -4.95 24.73 17.69
N LEU B 92 -4.65 23.47 18.02
CA LEU B 92 -4.45 22.43 17.03
C LEU B 92 -5.65 22.36 16.10
N LEU B 93 -6.84 22.46 16.68
CA LEU B 93 -8.08 22.39 15.93
C LEU B 93 -8.32 23.66 15.14
N ARG B 94 -7.93 24.80 15.72
CA ARG B 94 -8.02 26.07 15.02
C ARG B 94 -7.06 26.09 13.83
N ALA B 95 -5.87 25.53 14.04
CA ALA B 95 -4.85 25.50 13.01
C ALA B 95 -5.26 24.59 11.87
N ALA B 96 -5.67 23.38 12.23
CA ALA B 96 -6.16 22.41 11.26
C ALA B 96 -7.35 22.97 10.51
N GLY B 97 -8.19 23.73 11.23
CA GLY B 97 -9.37 24.31 10.64
C GLY B 97 -9.05 25.44 9.68
N ASP B 98 -7.90 26.09 9.88
CA ASP B 98 -7.50 27.19 9.01
C ASP B 98 -7.17 26.71 7.61
N ALA B 99 -6.72 25.46 7.50
CA ALA B 99 -6.40 24.86 6.21
C ALA B 99 -7.64 24.70 5.35
N THR B 100 -8.81 24.69 5.99
CA THR B 100 -10.07 24.60 5.29
C THR B 100 -10.29 25.85 4.45
N LYS B 101 -9.80 26.99 4.96
CA LYS B 101 -10.02 28.28 4.33
C LYS B 101 -9.41 28.36 2.93
N ASP B 102 -8.36 27.59 2.69
CA ASP B 102 -7.68 27.59 1.41
C ASP B 102 -7.90 26.27 0.68
N GLY B 103 -8.67 25.38 1.30
CA GLY B 103 -9.00 24.10 0.70
C GLY B 103 -7.88 23.08 0.74
N PHE B 104 -7.12 23.07 1.83
CA PHE B 104 -5.93 22.24 1.92
C PHE B 104 -6.10 21.02 2.82
N LEU B 105 -7.19 20.98 3.58
CA LEU B 105 -7.41 19.88 4.52
C LEU B 105 -8.39 18.84 3.97
N LYS B 106 -7.91 17.61 3.82
CA LYS B 106 -8.75 16.53 3.32
C LYS B 106 -9.52 15.85 4.46
N GLU B 107 -8.80 15.49 5.51
CA GLU B 107 -9.38 14.80 6.65
C GLU B 107 -8.68 15.18 7.96
N ILE B 108 -9.46 15.31 9.03
CA ILE B 108 -8.90 15.37 10.38
C ILE B 108 -9.59 14.33 11.23
N SER B 109 -8.80 13.55 11.97
CA SER B 109 -9.34 12.41 12.70
C SER B 109 -8.79 12.30 14.11
N LEU B 110 -9.70 12.07 15.06
CA LEU B 110 -9.33 11.72 16.41
C LEU B 110 -9.05 10.23 16.48
N VAL B 111 -7.78 9.87 16.66
CA VAL B 111 -7.37 8.47 16.61
C VAL B 111 -6.92 7.95 17.98
N VAL B 112 -7.56 6.87 18.43
CA VAL B 112 -7.21 6.23 19.70
C VAL B 112 -6.46 4.93 19.45
N THR B 113 -5.35 4.76 20.16
CA THR B 113 -4.52 3.56 20.00
C THR B 113 -4.11 2.95 21.34
N GLU B 114 -3.80 1.67 21.32
CA GLU B 114 -3.31 0.97 22.51
C GLU B 114 -1.98 1.55 22.97
N HIS B 115 -1.07 1.71 22.02
CA HIS B 115 0.27 2.21 22.31
C HIS B 115 0.56 3.46 21.52
N ASP B 116 1.24 4.41 22.16
CA ASP B 116 1.63 5.64 21.50
C ASP B 116 2.94 5.45 20.72
N GLY B 117 2.88 5.57 19.39
CA GLY B 117 1.64 5.82 18.67
C GLY B 117 1.48 4.86 17.51
N ASP B 118 0.58 3.89 17.67
CA ASP B 118 0.38 2.84 16.69
C ASP B 118 -0.24 3.37 15.39
N VAL B 119 -0.10 2.60 14.32
CA VAL B 119 -0.71 2.95 13.05
C VAL B 119 -2.14 2.43 12.98
N GLU B 120 -2.34 1.25 13.55
CA GLU B 120 -3.67 0.64 13.61
C GLU B 120 -4.37 1.10 14.88
N ALA B 121 -5.59 1.60 14.74
CA ALA B 121 -6.29 2.26 15.83
C ALA B 121 -7.29 1.37 16.55
N ILE B 122 -7.66 1.77 17.77
CA ILE B 122 -8.79 1.18 18.50
C ILE B 122 -10.09 1.84 18.07
N GLU B 123 -10.05 3.17 18.05
CA GLU B 123 -11.23 3.98 17.83
C GLU B 123 -10.87 5.21 17.02
N VAL B 124 -11.65 5.47 15.97
CA VAL B 124 -11.41 6.61 15.10
C VAL B 124 -12.65 7.46 14.93
N PHE B 125 -12.51 8.77 15.14
CA PHE B 125 -13.55 9.73 14.82
C PHE B 125 -13.09 10.61 13.67
N SER B 126 -13.60 10.30 12.48
CA SER B 126 -13.12 10.93 11.26
C SER B 126 -14.04 12.04 10.75
N MET B 127 -13.46 13.09 10.20
CA MET B 127 -14.21 14.12 9.51
C MET B 127 -13.54 14.45 8.18
N LYS B 128 -14.14 13.98 7.09
CA LYS B 128 -13.57 14.16 5.76
C LYS B 128 -14.21 15.34 5.03
N PHE B 129 -13.41 16.07 4.26
CA PHE B 129 -13.87 17.31 3.64
C PHE B 129 -13.91 17.28 2.11
N ILE B 130 -14.79 18.12 1.57
CA ILE B 130 -14.88 18.34 0.13
C ILE B 130 -15.04 19.83 -0.11
N TYR B 131 -14.26 20.35 -1.05
CA TYR B 131 -14.30 21.78 -1.35
C TYR B 131 -14.98 22.02 -2.68
N PHE B 132 -15.38 23.27 -2.91
CA PHE B 132 -16.20 23.59 -4.07
C PHE B 132 -15.63 24.76 -4.87
N GLU B 133 -15.59 24.58 -6.20
CA GLU B 133 -14.95 25.49 -7.13
C GLU B 133 -15.38 26.95 -6.93
N ASN B 134 -16.65 27.21 -7.18
CA ASN B 134 -17.23 28.53 -6.99
C ASN B 134 -18.74 28.46 -7.00
N GLY B 135 -19.38 29.19 -6.08
CA GLY B 135 -20.82 29.13 -5.95
C GLY B 135 -21.25 27.96 -5.10
N GLY B 136 -20.31 27.08 -4.80
CA GLY B 136 -20.55 25.96 -3.90
C GLY B 136 -21.23 24.76 -4.51
N VAL B 137 -21.63 24.87 -5.78
CA VAL B 137 -22.42 23.83 -6.42
C VAL B 137 -21.55 22.68 -6.96
N VAL B 138 -20.51 23.02 -7.70
CA VAL B 138 -19.64 22.01 -8.32
C VAL B 138 -18.44 21.66 -7.46
N ALA B 139 -18.28 20.37 -7.19
CA ALA B 139 -17.22 19.88 -6.31
C ALA B 139 -15.83 19.98 -6.95
N ARG B 140 -14.94 20.67 -6.24
CA ARG B 140 -13.55 20.87 -6.65
C ARG B 140 -12.70 19.62 -6.36
N LEU B 141 -11.78 19.31 -7.26
CA LEU B 141 -10.83 18.20 -7.06
C LEU B 141 -9.39 18.70 -7.30
N SER B 142 -8.42 18.69 -6.36
CA SER B 142 -8.43 18.46 -4.89
C SER B 142 -8.40 17.00 -4.37
N THR B 143 -8.44 15.99 -5.24
CA THR B 143 -8.41 14.58 -4.77
C THR B 143 -7.88 13.54 -5.82
N ASP B 144 -7.64 12.30 -5.35
CA ASP B 144 -7.10 11.11 -6.08
C ASP B 144 -5.58 11.04 -6.04
N PRO B 151 -16.27 6.51 -1.10
CA PRO B 151 -17.39 5.70 -0.63
C PRO B 151 -18.56 6.56 -0.17
N HIS B 152 -18.25 7.68 0.47
CA HIS B 152 -19.28 8.62 0.85
C HIS B 152 -19.11 9.90 0.04
N PHE B 153 -17.90 10.09 -0.51
CA PHE B 153 -17.54 11.23 -1.34
C PHE B 153 -18.62 11.57 -2.37
N ALA B 154 -19.03 10.56 -3.13
CA ALA B 154 -20.09 10.68 -4.12
C ALA B 154 -21.36 11.29 -3.55
N GLU B 155 -21.83 10.74 -2.43
CA GLU B 155 -23.03 11.24 -1.76
C GLU B 155 -22.79 12.66 -1.22
N LEU B 156 -21.60 12.88 -0.68
CA LEU B 156 -21.20 14.21 -0.21
C LEU B 156 -21.18 15.24 -1.32
N ALA B 157 -20.60 14.85 -2.46
CA ALA B 157 -20.40 15.78 -3.55
C ALA B 157 -21.72 16.26 -4.13
N GLN B 158 -22.74 15.42 -4.10
CA GLN B 158 -24.02 15.77 -4.72
C GLN B 158 -24.88 16.63 -3.79
N LEU B 159 -24.57 16.61 -2.51
CA LEU B 159 -25.32 17.37 -1.53
C LEU B 159 -25.16 18.86 -1.77
N ARG B 160 -26.26 19.60 -1.68
CA ARG B 160 -26.26 21.01 -2.02
C ARG B 160 -26.63 21.90 -0.82
N TYR B 161 -26.08 23.11 -0.81
CA TYR B 161 -26.34 24.06 0.25
C TYR B 161 -27.81 24.42 0.31
N GLU B 162 -28.39 24.29 1.49
CA GLU B 162 -29.83 24.46 1.65
C GLU B 162 -30.20 25.58 2.63
N GLY B 163 -29.27 26.49 2.87
CA GLY B 163 -29.51 27.59 3.78
C GLY B 163 -28.96 27.32 5.16
N ALA B 164 -28.82 28.38 5.96
CA ALA B 164 -28.22 28.28 7.30
C ALA B 164 -29.04 27.40 8.23
N GLU B 165 -30.37 27.47 8.11
CA GLU B 165 -31.25 26.67 8.97
C GLU B 165 -30.97 25.18 8.80
N SER B 166 -30.70 24.78 7.57
CA SER B 166 -30.36 23.39 7.28
C SER B 166 -29.02 23.02 7.89
N VAL B 167 -28.15 24.02 8.04
CA VAL B 167 -26.83 23.80 8.60
C VAL B 167 -26.90 23.73 10.12
N ARG B 168 -27.81 24.54 10.69
CA ARG B 168 -28.03 24.54 12.13
C ARG B 168 -28.60 23.20 12.57
N ASP B 169 -29.44 22.61 11.73
CA ASP B 169 -30.03 21.31 12.04
C ASP B 169 -29.01 20.20 11.96
N GLN B 170 -28.07 20.35 11.03
CA GLN B 170 -27.02 19.35 10.82
C GLN B 170 -26.06 19.31 12.00
N MET B 171 -25.69 20.48 12.49
CA MET B 171 -24.79 20.57 13.63
C MET B 171 -25.43 19.98 14.87
N VAL B 172 -26.68 20.35 15.11
CA VAL B 172 -27.45 19.80 16.22
C VAL B 172 -27.53 18.28 16.12
N THR B 173 -27.81 17.80 14.91
CA THR B 173 -27.91 16.37 14.64
C THR B 173 -26.63 15.63 15.02
N ILE B 174 -25.49 16.16 14.57
CA ILE B 174 -24.19 15.56 14.85
C ILE B 174 -23.90 15.52 16.34
N VAL B 175 -24.12 16.64 17.02
CA VAL B 175 -23.86 16.73 18.45
C VAL B 175 -24.76 15.78 19.23
N ARG B 176 -26.05 15.76 18.88
CA ARG B 176 -26.99 14.83 19.50
C ARG B 176 -26.58 13.39 19.25
N SER B 177 -26.10 13.12 18.05
CA SER B 177 -25.64 11.78 17.70
C SER B 177 -24.32 11.44 18.41
N VAL B 178 -23.41 12.40 18.49
CA VAL B 178 -22.13 12.17 19.16
C VAL B 178 -22.36 11.88 20.64
N GLN B 179 -23.18 12.73 21.26
CA GLN B 179 -23.53 12.56 22.66
C GLN B 179 -24.26 11.25 22.92
N PHE B 180 -25.09 10.83 21.97
CA PHE B 180 -25.84 9.57 22.10
C PHE B 180 -24.94 8.37 21.83
N LEU B 181 -24.06 8.48 20.84
CA LEU B 181 -23.17 7.39 20.47
C LEU B 181 -22.16 7.09 21.57
N CYS B 182 -21.66 8.16 22.19
CA CYS B 182 -20.60 8.02 23.19
C CYS B 182 -21.13 7.66 24.58
N THR B 183 -22.42 7.91 24.81
CA THR B 183 -22.99 7.66 26.13
C THR B 183 -23.92 6.46 26.22
N LYS B 184 -24.37 5.94 25.08
CA LYS B 184 -25.34 4.86 25.10
C LYS B 184 -25.14 3.79 24.03
N VAL B 185 -24.05 3.89 23.27
CA VAL B 185 -23.79 2.89 22.23
C VAL B 185 -22.43 2.23 22.40
N LEU B 186 -21.40 3.04 22.59
CA LEU B 186 -20.03 2.56 22.67
C LEU B 186 -19.63 2.11 24.06
N GLU B 187 -18.96 0.95 24.13
CA GLU B 187 -18.32 0.52 25.36
C GLU B 187 -17.22 1.51 25.71
N PRO B 188 -17.00 1.75 27.00
CA PRO B 188 -15.96 2.69 27.42
C PRO B 188 -14.58 2.29 26.89
N LEU B 189 -13.71 3.27 26.71
CA LEU B 189 -12.35 3.02 26.26
C LEU B 189 -11.60 2.22 27.30
N PRO B 190 -10.59 1.46 26.88
CA PRO B 190 -9.73 0.70 27.81
C PRO B 190 -9.11 1.59 28.88
N ALA B 191 -8.57 0.98 29.93
CA ALA B 191 -7.93 1.72 31.01
C ALA B 191 -6.74 2.50 30.47
N GLU B 192 -6.00 1.88 29.57
CA GLU B 192 -4.81 2.48 28.99
C GLU B 192 -4.91 2.64 27.48
N PHE B 193 -4.62 3.85 26.99
CA PHE B 193 -4.64 4.15 25.56
C PHE B 193 -3.91 5.44 25.25
N THR B 194 -3.94 5.82 23.97
CA THR B 194 -3.37 7.09 23.52
C THR B 194 -4.24 7.68 22.42
N ALA B 195 -4.54 8.98 22.56
CA ALA B 195 -5.36 9.69 21.58
C ALA B 195 -4.60 10.88 21.00
N ASN B 196 -4.54 10.97 19.67
CA ASN B 196 -3.97 12.14 19.01
C ASN B 196 -4.78 12.50 17.75
N PHE B 197 -4.58 13.71 17.24
CA PHE B 197 -5.27 14.13 16.04
C PHE B 197 -4.38 13.90 14.82
N ARG B 198 -4.91 13.15 13.85
CA ARG B 198 -4.17 12.82 12.65
C ARG B 198 -4.91 13.36 11.44
N LEU B 199 -4.22 14.17 10.64
CA LEU B 199 -4.87 14.78 9.49
C LEU B 199 -4.18 14.44 8.16
N LYS B 200 -4.92 14.60 7.07
CA LYS B 200 -4.41 14.34 5.74
C LYS B 200 -4.62 15.56 4.85
N TYR B 201 -3.58 15.93 4.11
CA TYR B 201 -3.64 17.11 3.26
C TYR B 201 -4.19 16.77 1.88
N THR B 202 -4.88 17.72 1.26
CA THR B 202 -5.37 17.53 -0.10
C THR B 202 -4.21 17.59 -1.08
N ASN B 203 -4.50 17.25 -2.33
CA ASN B 203 -3.47 17.28 -3.37
C ASN B 203 -3.23 18.70 -3.87
N ASP B 204 -4.24 19.56 -3.69
CA ASP B 204 -4.10 20.97 -4.04
C ASP B 204 -3.07 21.68 -3.17
N ALA B 205 -2.67 21.04 -2.09
CA ALA B 205 -1.83 21.67 -1.09
C ALA B 205 -0.37 21.64 -1.49
N PRO B 206 0.35 22.72 -1.16
CA PRO B 206 1.81 22.78 -1.37
C PRO B 206 2.53 21.69 -0.60
N SER B 207 3.65 21.23 -1.12
CA SER B 207 4.48 20.28 -0.40
C SER B 207 5.15 21.00 0.77
N ASN B 208 5.25 22.32 0.66
CA ASN B 208 5.70 23.15 1.75
C ASN B 208 4.72 23.11 2.92
N PHE B 209 3.43 23.07 2.59
CA PHE B 209 2.37 23.26 3.57
C PHE B 209 2.39 22.27 4.74
N ARG B 210 2.57 22.82 5.93
CA ARG B 210 2.43 22.04 7.16
C ARG B 210 1.59 22.84 8.13
N ILE B 211 0.71 22.14 8.85
CA ILE B 211 -0.08 22.80 9.87
C ILE B 211 0.68 22.78 11.18
N ASP B 212 0.79 23.95 11.80
CA ASP B 212 1.54 24.11 13.04
C ASP B 212 0.99 23.21 14.15
N GLY B 213 1.79 22.22 14.53
CA GLY B 213 1.40 21.28 15.56
C GLY B 213 1.30 19.87 15.04
N PHE B 214 1.37 19.74 13.72
CA PHE B 214 1.27 18.43 13.06
C PHE B 214 2.55 18.10 12.33
N ASP B 215 3.34 17.19 12.90
CA ASP B 215 4.61 16.80 12.32
C ASP B 215 4.40 15.81 11.19
N ASP B 216 5.34 15.79 10.25
CA ASP B 216 5.29 14.87 9.12
C ASP B 216 5.33 13.42 9.60
N SER B 217 4.74 12.53 8.80
CA SER B 217 4.70 11.11 9.11
C SER B 217 4.38 10.34 7.84
N SER B 218 4.96 9.16 7.69
CA SER B 218 4.74 8.36 6.49
C SER B 218 3.48 7.52 6.60
N THR B 219 2.89 7.45 7.79
CA THR B 219 1.69 6.67 8.01
C THR B 219 0.53 7.50 8.55
N PHE B 220 -0.67 7.20 8.05
CA PHE B 220 -1.89 7.83 8.53
C PHE B 220 -2.42 7.04 9.72
N TYR B 221 -3.58 6.40 9.52
CA TYR B 221 -4.08 5.41 10.45
C TYR B 221 -4.65 4.24 9.67
N THR B 222 -4.62 3.06 10.28
CA THR B 222 -5.23 1.89 9.66
C THR B 222 -6.26 1.28 10.59
N LEU B 223 -7.15 0.49 10.01
CA LEU B 223 -8.20 -0.16 10.78
C LEU B 223 -8.05 -1.66 10.72
N PRO B 224 -8.50 -2.36 11.78
CA PRO B 224 -8.61 -3.81 11.70
C PRO B 224 -9.59 -4.22 10.62
N ASP B 225 -9.59 -5.48 10.20
CA ASP B 225 -10.47 -5.91 9.13
C ASP B 225 -11.95 -5.89 9.54
N GLY B 226 -12.22 -6.25 10.79
CA GLY B 226 -13.58 -6.46 11.23
C GLY B 226 -14.29 -5.28 11.86
N ILE B 227 -13.53 -4.23 12.16
CA ILE B 227 -14.05 -3.10 12.95
C ILE B 227 -15.35 -2.52 12.38
N GLN B 228 -16.25 -2.15 13.29
CA GLN B 228 -17.55 -1.59 12.90
C GLN B 228 -17.48 -0.09 12.71
N SER B 229 -18.29 0.42 11.79
CA SER B 229 -18.37 1.85 11.57
C SER B 229 -19.83 2.31 11.60
N VAL B 230 -20.03 3.62 11.76
CA VAL B 230 -21.35 4.21 11.72
C VAL B 230 -21.24 5.69 11.36
N THR B 231 -22.11 6.14 10.47
CA THR B 231 -22.13 7.53 10.08
C THR B 231 -22.71 8.39 11.18
N ILE B 232 -21.93 9.35 11.66
CA ILE B 232 -22.40 10.28 12.66
C ILE B 232 -23.25 11.38 12.05
N GLY B 233 -22.77 11.93 10.92
CA GLY B 233 -23.49 13.00 10.27
C GLY B 233 -22.68 13.75 9.22
N HIS B 234 -23.27 14.83 8.71
CA HIS B 234 -22.64 15.62 7.65
C HIS B 234 -22.91 17.10 7.83
N LEU B 235 -22.09 17.94 7.19
CA LEU B 235 -22.30 19.39 7.23
C LEU B 235 -22.16 19.94 5.82
N ARG B 236 -23.01 20.91 5.48
CA ARG B 236 -22.98 21.52 4.15
C ARG B 236 -23.26 23.02 4.22
N PRO B 237 -22.22 23.81 4.54
CA PRO B 237 -22.29 25.28 4.44
C PRO B 237 -22.28 25.72 2.98
N GLY B 238 -22.08 27.01 2.75
CA GLY B 238 -22.11 27.57 1.42
C GLY B 238 -21.14 26.95 0.43
N HIS B 239 -19.91 26.73 0.85
CA HIS B 239 -18.86 26.30 -0.07
C HIS B 239 -18.00 25.16 0.48
N HIS B 240 -18.50 24.46 1.48
CA HIS B 240 -17.77 23.33 2.04
C HIS B 240 -18.70 22.17 2.37
N ALA B 241 -18.12 20.99 2.54
CA ALA B 241 -18.91 19.81 2.88
C ALA B 241 -18.09 18.83 3.72
N ALA B 242 -18.68 18.34 4.80
CA ALA B 242 -17.97 17.43 5.71
C ALA B 242 -18.77 16.16 6.00
N HIS B 243 -18.06 15.07 6.23
CA HIS B 243 -18.64 13.78 6.54
C HIS B 243 -18.01 13.18 7.79
N MET B 244 -18.82 12.95 8.81
CA MET B 244 -18.30 12.45 10.07
C MET B 244 -18.64 11.00 10.30
N GLN B 245 -17.64 10.22 10.71
CA GLN B 245 -17.82 8.79 10.94
C GLN B 245 -17.14 8.37 12.22
N CYS B 246 -17.52 7.20 12.72
CA CYS B 246 -16.84 6.62 13.86
C CYS B 246 -16.46 5.17 13.60
N TRP B 247 -15.19 4.85 13.76
CA TRP B 247 -14.73 3.47 13.77
C TRP B 247 -14.32 3.11 15.19
N SER B 248 -14.86 2.03 15.73
CA SER B 248 -14.52 1.63 17.08
C SER B 248 -14.72 0.14 17.35
N LYS B 249 -13.85 -0.42 18.16
CA LYS B 249 -14.00 -1.80 18.63
C LYS B 249 -15.02 -1.83 19.77
N SER B 250 -15.37 -0.64 20.25
CA SER B 250 -16.28 -0.50 21.37
C SER B 250 -17.72 -0.83 20.99
N MET B 251 -18.05 -0.66 19.71
CA MET B 251 -19.39 -0.97 19.23
C MET B 251 -19.45 -2.39 18.67
N SER B 252 -20.58 -3.05 18.87
CA SER B 252 -20.75 -4.43 18.41
C SER B 252 -21.39 -4.47 17.02
N ASN C 2 38.16 -11.59 -22.88
CA ASN C 2 38.49 -13.00 -22.81
C ASN C 2 37.37 -13.91 -23.29
N ALA C 3 37.73 -14.89 -24.12
CA ALA C 3 36.76 -15.81 -24.70
C ALA C 3 36.15 -16.73 -23.65
N ARG C 4 34.93 -17.20 -23.91
CA ARG C 4 34.21 -18.04 -22.99
C ARG C 4 34.11 -19.47 -23.52
N ASP C 5 34.46 -20.44 -22.69
CA ASP C 5 34.50 -21.84 -23.12
C ASP C 5 33.12 -22.44 -23.33
N SER C 6 32.18 -22.08 -22.46
CA SER C 6 30.83 -22.65 -22.49
C SER C 6 29.77 -21.55 -22.40
N PRO C 7 28.50 -21.89 -22.68
CA PRO C 7 27.45 -20.87 -22.51
C PRO C 7 26.86 -20.89 -21.11
N TYR C 8 27.57 -21.48 -20.15
CA TYR C 8 27.05 -21.66 -18.80
C TYR C 8 27.68 -20.70 -17.80
N GLY C 9 26.93 -20.37 -16.76
CA GLY C 9 27.42 -19.52 -15.69
C GLY C 9 26.81 -19.91 -14.36
N LEU C 10 27.66 -20.15 -13.36
CA LEU C 10 27.20 -20.58 -12.05
C LEU C 10 27.43 -19.53 -10.98
N SER C 11 26.52 -19.45 -10.01
CA SER C 11 26.63 -18.45 -8.95
C SER C 11 27.17 -19.07 -7.67
N GLN C 12 27.37 -18.24 -6.66
CA GLN C 12 27.77 -18.73 -5.34
C GLN C 12 26.63 -19.55 -4.73
N GLY C 13 26.97 -20.64 -4.07
CA GLY C 13 25.97 -21.54 -3.54
C GLY C 13 25.35 -21.09 -2.23
N ILE C 14 24.23 -21.71 -1.88
CA ILE C 14 23.60 -21.55 -0.57
C ILE C 14 23.45 -22.91 0.07
N THR C 15 24.24 -23.19 1.11
CA THR C 15 24.30 -24.51 1.69
C THR C 15 23.63 -24.62 3.05
N LYS C 16 23.22 -25.83 3.40
CA LYS C 16 22.69 -26.15 4.73
C LYS C 16 23.21 -27.50 5.20
N LYS C 17 23.73 -27.54 6.43
CA LYS C 17 24.30 -28.76 6.98
C LYS C 17 23.62 -29.16 8.28
N ASN C 18 23.16 -30.40 8.36
CA ASN C 18 22.47 -30.88 9.55
C ASN C 18 22.62 -32.38 9.74
N ASN D 2 12.16 21.28 2.99
CA ASN D 2 10.88 21.98 2.99
C ASN D 2 9.80 21.20 2.25
N ALA D 3 10.19 20.08 1.65
CA ALA D 3 9.23 19.24 0.95
C ALA D 3 8.42 18.41 1.94
N ARG D 4 7.57 17.55 1.41
CA ARG D 4 6.72 16.70 2.23
C ARG D 4 6.61 15.32 1.60
N ASP D 5 7.17 14.31 2.25
CA ASP D 5 7.17 12.96 1.71
C ASP D 5 5.80 12.29 1.86
N SER D 6 4.87 12.97 2.52
CA SER D 6 3.55 12.41 2.75
C SER D 6 2.48 13.50 2.78
N PRO D 7 1.20 13.11 2.62
CA PRO D 7 0.13 14.06 2.85
C PRO D 7 -0.40 13.94 4.27
N TYR D 8 0.33 13.22 5.12
CA TYR D 8 -0.11 12.93 6.48
C TYR D 8 0.57 13.82 7.52
N GLY D 9 -0.16 14.16 8.57
CA GLY D 9 0.36 14.96 9.66
C GLY D 9 -0.24 14.54 10.99
N LEU D 10 0.62 14.24 11.96
CA LEU D 10 0.16 13.77 13.26
C LEU D 10 0.51 14.75 14.38
N SER D 11 -0.36 14.82 15.38
CA SER D 11 -0.16 15.71 16.51
C SER D 11 0.39 14.96 17.71
N GLN D 12 0.75 15.70 18.75
CA GLN D 12 1.19 15.09 20.01
C GLN D 12 0.03 14.36 20.66
N GLY D 13 0.34 13.23 21.31
CA GLY D 13 -0.70 12.38 21.86
C GLY D 13 -1.18 12.71 23.27
N ILE D 14 -2.36 12.18 23.60
CA ILE D 14 -2.88 12.24 24.95
C ILE D 14 -2.93 10.81 25.49
N THR D 15 -2.20 10.56 26.58
CA THR D 15 -2.04 9.20 27.08
C THR D 15 -2.64 8.97 28.45
N LYS D 16 -3.06 7.74 28.70
CA LYS D 16 -3.51 7.31 30.01
C LYS D 16 -2.71 6.09 30.49
N LYS D 17 -2.33 6.09 31.77
CA LYS D 17 -1.54 5.01 32.35
C LYS D 17 -2.17 4.44 33.62
N ASN D 18 -2.35 3.12 33.65
CA ASN D 18 -2.92 2.43 34.80
C ASN D 18 -2.68 0.93 34.70
#